data_2ZSC
#
_entry.id   2ZSC
#
_cell.length_a   78.382
_cell.length_b   80.017
_cell.length_c   55.733
_cell.angle_alpha   90.00
_cell.angle_beta   132.32
_cell.angle_gamma   90.00
#
_symmetry.space_group_name_H-M   'C 1 2 1'
#
loop_
_entity.id
_entity.type
_entity.pdbx_description
1 polymer Tamavidin2
2 non-polymer GLYCEROL
3 non-polymer BIOTIN
4 non-polymer 'MAGNESIUM ION'
5 water water
#
_entity_poly.entity_id   1
_entity_poly.type   'polypeptide(L)'
_entity_poly.pdbx_seq_one_letter_code
;MSDVQSSLTGTWYNELNSKMELTANKDGTLTGKYLSKVGDVYVPYPLSGRYNLQPPAGQGVALGWAVSWENSKIHSATTW
SGQFFSESSPVILTQWLLSSSTARGDVWESTLVGNDSFTKTAPTEQQIAHAQLHCRAPRLK
;
_entity_poly.pdbx_strand_id   A,B
#
# COMPACT_ATOMS: atom_id res chain seq x y z
N SER A 2 -7.61 22.02 22.34
CA SER A 2 -7.73 20.59 22.74
C SER A 2 -6.55 20.14 23.60
N ASP A 3 -6.80 19.09 24.39
CA ASP A 3 -5.76 18.39 25.14
C ASP A 3 -5.77 16.95 24.66
N VAL A 4 -5.14 16.71 23.51
CA VAL A 4 -5.23 15.43 22.83
C VAL A 4 -4.63 14.28 23.66
N GLN A 5 -3.52 14.55 24.33
CA GLN A 5 -2.85 13.49 25.08
CA GLN A 5 -2.81 13.59 25.17
C GLN A 5 -3.74 12.87 26.15
N SER A 6 -4.64 13.65 26.74
CA SER A 6 -5.56 13.18 27.77
C SER A 6 -6.50 12.08 27.25
N SER A 7 -6.74 12.03 25.93
CA SER A 7 -7.59 11.01 25.34
CA SER A 7 -7.57 10.99 25.37
C SER A 7 -6.78 9.94 24.57
N LEU A 8 -5.61 10.32 24.08
CA LEU A 8 -4.83 9.44 23.21
C LEU A 8 -3.91 8.48 23.97
N THR A 9 -3.25 8.96 25.02
CA THR A 9 -2.37 8.11 25.79
C THR A 9 -3.16 6.96 26.40
N GLY A 10 -2.59 5.76 26.28
CA GLY A 10 -3.19 4.57 26.87
C GLY A 10 -3.01 3.35 26.01
N THR A 11 -3.73 2.29 26.38
CA THR A 11 -3.66 1.01 25.70
C THR A 11 -4.73 0.95 24.62
N TRP A 12 -4.33 0.48 23.44
CA TRP A 12 -5.21 0.34 22.29
C TRP A 12 -5.06 -1.07 21.72
N TYR A 13 -6.16 -1.58 21.15
CA TYR A 13 -6.20 -2.93 20.62
C TYR A 13 -6.74 -2.91 19.21
N ASN A 14 -6.16 -3.67 18.29
CA ASN A 14 -6.70 -3.69 16.94
C ASN A 14 -7.45 -5.00 16.65
N GLU A 15 -7.95 -5.10 15.42
CA GLU A 15 -8.78 -6.19 14.96
C GLU A 15 -8.08 -7.56 15.01
N LEU A 16 -6.75 -7.55 14.96
CA LEU A 16 -5.92 -8.74 15.04
C LEU A 16 -5.58 -9.10 16.49
N ASN A 17 -6.12 -8.33 17.44
CA ASN A 17 -5.84 -8.43 18.88
CA ASN A 17 -5.82 -8.50 18.86
C ASN A 17 -4.42 -8.03 19.25
N SER A 18 -3.76 -7.30 18.35
CA SER A 18 -2.50 -6.65 18.72
C SER A 18 -2.77 -5.56 19.76
N LYS A 19 -1.79 -5.36 20.64
CA LYS A 19 -1.91 -4.41 21.73
CA LYS A 19 -1.91 -4.41 21.74
C LYS A 19 -0.82 -3.35 21.66
N MET A 20 -1.26 -2.08 21.67
CA MET A 20 -0.33 -0.97 21.62
C MET A 20 -0.46 -0.15 22.89
N GLU A 21 0.67 0.05 23.56
CA GLU A 21 0.73 0.91 24.73
CA GLU A 21 0.77 0.91 24.74
C GLU A 21 1.32 2.25 24.30
N LEU A 22 0.42 3.20 24.09
CA LEU A 22 0.74 4.47 23.45
C LEU A 22 0.87 5.62 24.43
N THR A 23 1.95 6.40 24.30
CA THR A 23 2.05 7.64 25.06
CA THR A 23 2.15 7.63 25.07
C THR A 23 2.24 8.80 24.11
N ALA A 24 1.37 9.79 24.30
CA ALA A 24 1.36 10.99 23.49
C ALA A 24 1.93 12.10 24.35
N ASN A 25 3.04 12.65 23.91
CA ASN A 25 3.75 13.66 24.69
C ASN A 25 3.33 15.07 24.29
N LYS A 26 3.54 16.03 25.19
CA LYS A 26 3.17 17.42 24.94
C LYS A 26 3.89 18.05 23.74
N ASP A 27 5.07 17.54 23.39
CA ASP A 27 5.82 18.04 22.24
C ASP A 27 5.35 17.48 20.90
N GLY A 28 4.29 16.67 20.91
CA GLY A 28 3.73 16.13 19.67
C GLY A 28 4.30 14.77 19.26
N THR A 29 5.17 14.21 20.08
CA THR A 29 5.73 12.88 19.81
C THR A 29 4.86 11.77 20.40
N LEU A 30 4.99 10.61 19.77
CA LEU A 30 4.41 9.36 20.25
C LEU A 30 5.54 8.42 20.62
N THR A 31 5.39 7.76 21.77
CA THR A 31 6.29 6.70 22.18
C THR A 31 5.45 5.55 22.69
N GLY A 32 6.09 4.43 23.01
CA GLY A 32 5.36 3.29 23.54
C GLY A 32 5.82 1.95 23.00
N LYS A 33 4.97 0.95 23.20
CA LYS A 33 5.28 -0.45 22.95
CA LYS A 33 5.32 -0.43 22.87
C LYS A 33 4.19 -1.06 22.07
N TYR A 34 4.56 -1.92 21.14
CA TYR A 34 3.59 -2.56 20.25
C TYR A 34 3.78 -4.06 20.29
N LEU A 35 2.71 -4.79 20.61
CA LEU A 35 2.75 -6.25 20.64
C LEU A 35 1.83 -6.79 19.56
N SER A 36 2.42 -7.32 18.50
CA SER A 36 1.64 -7.88 17.41
C SER A 36 1.24 -9.30 17.69
N LYS A 37 -0.02 -9.63 17.42
CA LYS A 37 -0.51 -10.99 17.59
C LYS A 37 -0.36 -11.82 16.33
N VAL A 38 0.19 -11.22 15.28
CA VAL A 38 0.48 -11.92 14.02
C VAL A 38 1.91 -11.64 13.59
N GLY A 39 2.42 -12.50 12.72
CA GLY A 39 3.78 -12.41 12.29
C GLY A 39 4.65 -13.17 13.27
N ASP A 40 5.86 -13.45 12.84
CA ASP A 40 6.77 -14.24 13.64
C ASP A 40 7.54 -13.35 14.61
N VAL A 41 6.78 -12.64 15.45
CA VAL A 41 7.33 -11.82 16.53
C VAL A 41 6.61 -12.21 17.83
N TYR A 42 7.31 -12.08 18.95
CA TYR A 42 6.84 -12.73 20.18
C TYR A 42 6.93 -11.87 21.44
N VAL A 43 7.49 -10.67 21.27
CA VAL A 43 7.67 -9.72 22.35
C VAL A 43 7.25 -8.33 21.85
N PRO A 44 6.99 -7.39 22.75
CA PRO A 44 6.73 -6.02 22.30
C PRO A 44 7.95 -5.37 21.65
N TYR A 45 7.68 -4.46 20.72
CA TYR A 45 8.71 -3.66 20.06
C TYR A 45 8.37 -2.19 20.23
N PRO A 46 9.39 -1.35 20.44
CA PRO A 46 9.10 0.07 20.67
C PRO A 46 8.64 0.81 19.43
N LEU A 47 7.84 1.84 19.64
CA LEU A 47 7.37 2.72 18.57
C LEU A 47 7.83 4.16 18.75
N SER A 48 7.87 4.88 17.64
CA SER A 48 8.12 6.32 17.64
CA SER A 48 8.09 6.32 17.67
C SER A 48 7.25 6.96 16.59
N GLY A 49 6.62 8.09 16.93
CA GLY A 49 5.77 8.78 15.97
C GLY A 49 5.47 10.21 16.33
N ARG A 50 4.50 10.78 15.63
CA ARG A 50 4.11 12.18 15.76
C ARG A 50 2.61 12.25 15.64
N TYR A 51 2.01 13.25 16.28
CA TYR A 51 0.56 13.40 16.19
C TYR A 51 0.15 14.87 16.23
N ASN A 52 -0.98 15.19 15.61
CA ASN A 52 -1.53 16.54 15.64
C ASN A 52 -1.98 16.93 17.04
N LEU A 53 -1.56 18.10 17.47
CA LEU A 53 -1.88 18.63 18.79
C LEU A 53 -3.20 19.40 18.83
N GLN A 54 -3.63 19.94 17.70
CA GLN A 54 -4.78 20.84 17.66
CA GLN A 54 -4.81 20.80 17.69
C GLN A 54 -5.77 20.50 16.54
N PRO A 55 -6.55 19.42 16.70
CA PRO A 55 -7.51 19.04 15.67
C PRO A 55 -8.59 20.10 15.49
N PRO A 56 -8.97 20.40 14.24
CA PRO A 56 -10.14 21.24 13.99
C PRO A 56 -11.37 20.58 14.59
N ALA A 57 -12.32 21.39 15.05
CA ALA A 57 -13.54 20.87 15.66
C ALA A 57 -14.25 19.90 14.73
N GLY A 58 -14.71 18.78 15.29
CA GLY A 58 -15.43 17.76 14.53
C GLY A 58 -14.58 16.97 13.56
N GLN A 59 -13.25 17.06 13.69
CA GLN A 59 -12.34 16.32 12.82
C GLN A 59 -11.33 15.50 13.60
N GLY A 60 -10.71 14.54 12.92
CA GLY A 60 -9.75 13.65 13.55
C GLY A 60 -8.39 14.28 13.81
N VAL A 61 -7.66 13.66 14.73
CA VAL A 61 -6.28 13.98 14.99
C VAL A 61 -5.47 13.12 14.02
N ALA A 62 -4.80 13.73 13.05
CA ALA A 62 -3.92 12.95 12.16
C ALA A 62 -2.68 12.56 12.93
N LEU A 63 -2.21 11.34 12.68
CA LEU A 63 -1.05 10.83 13.40
C LEU A 63 -0.37 9.71 12.64
N GLY A 64 0.86 9.42 13.03
CA GLY A 64 1.57 8.29 12.45
C GLY A 64 2.65 7.83 13.37
N TRP A 65 2.98 6.54 13.28
CA TRP A 65 4.10 5.99 14.04
C TRP A 65 4.78 4.85 13.31
N ALA A 66 5.98 4.53 13.79
CA ALA A 66 6.86 3.54 13.19
C ALA A 66 7.32 2.54 14.25
N VAL A 67 7.46 1.28 13.83
CA VAL A 67 8.05 0.21 14.63
C VAL A 67 9.08 -0.50 13.76
N SER A 68 10.29 -0.65 14.28
CA SER A 68 11.30 -1.49 13.68
CA SER A 68 11.29 -1.50 13.66
C SER A 68 11.27 -2.85 14.37
N TRP A 69 11.15 -3.91 13.57
CA TRP A 69 11.10 -5.28 14.06
C TRP A 69 12.38 -6.02 13.70
N GLU A 70 13.12 -6.49 14.71
CA GLU A 70 14.32 -7.28 14.47
C GLU A 70 14.40 -8.40 15.46
N ASN A 71 14.47 -9.61 14.94
CA ASN A 71 14.79 -10.79 15.73
C ASN A 71 15.66 -11.73 14.89
N SER A 72 15.79 -13.01 15.26
CA SER A 72 16.68 -13.89 14.52
CA SER A 72 16.69 -13.89 14.52
C SER A 72 16.31 -14.06 13.05
N LYS A 73 15.01 -13.98 12.75
CA LYS A 73 14.62 -14.15 11.36
CA LYS A 73 14.46 -14.21 11.41
C LYS A 73 14.04 -12.92 10.66
N ILE A 74 13.59 -11.93 11.43
CA ILE A 74 12.86 -10.77 10.91
CA ILE A 74 12.88 -10.78 10.88
C ILE A 74 13.71 -9.50 10.94
N HIS A 75 13.73 -8.76 9.83
CA HIS A 75 14.27 -7.41 9.79
C HIS A 75 13.31 -6.61 8.93
N SER A 76 12.43 -5.85 9.59
CA SER A 76 11.39 -5.12 8.88
CA SER A 76 11.34 -5.16 8.91
C SER A 76 10.97 -3.88 9.67
N ALA A 77 10.11 -3.07 9.08
CA ALA A 77 9.59 -1.89 9.75
C ALA A 77 8.18 -1.62 9.27
N THR A 78 7.28 -1.28 10.18
CA THR A 78 5.93 -0.86 9.83
C THR A 78 5.73 0.59 10.21
N THR A 79 5.02 1.33 9.37
CA THR A 79 4.43 2.61 9.75
C THR A 79 2.93 2.52 9.60
N TRP A 80 2.28 3.19 10.56
CA TRP A 80 0.84 3.41 10.53
C TRP A 80 0.55 4.89 10.36
N SER A 81 -0.39 5.21 9.47
CA SER A 81 -0.84 6.58 9.33
CA SER A 81 -0.84 6.58 9.22
CA SER A 81 -0.82 6.56 9.26
C SER A 81 -2.36 6.61 9.31
N GLY A 82 -2.91 7.61 10.01
CA GLY A 82 -4.36 7.73 10.06
C GLY A 82 -4.84 8.82 10.96
N GLN A 83 -5.96 8.54 11.60
CA GLN A 83 -6.65 9.52 12.42
C GLN A 83 -7.21 8.91 13.68
N PHE A 84 -7.08 9.67 14.76
CA PHE A 84 -7.64 9.37 16.06
C PHE A 84 -8.87 10.24 16.29
N PHE A 85 -9.98 9.60 16.62
CA PHE A 85 -11.24 10.30 16.95
C PHE A 85 -11.57 9.99 18.40
N SER A 86 -11.68 11.04 19.21
CA SER A 86 -11.90 10.91 20.66
C SER A 86 -13.34 11.15 21.11
N GLU A 87 -14.10 11.92 20.33
CA GLU A 87 -15.33 12.58 20.82
C GLU A 87 -16.48 11.63 21.11
N SER A 88 -16.56 10.58 20.31
CA SER A 88 -17.52 9.50 20.51
CA SER A 88 -17.54 9.50 20.49
C SER A 88 -16.80 8.21 20.17
N SER A 89 -17.36 7.08 20.59
CA SER A 89 -16.77 5.76 20.33
CA SER A 89 -16.76 5.76 20.37
C SER A 89 -15.32 5.88 19.83
N PRO A 90 -14.36 6.10 20.75
CA PRO A 90 -12.99 6.40 20.32
C PRO A 90 -12.37 5.33 19.43
N VAL A 91 -11.63 5.80 18.43
CA VAL A 91 -10.98 4.88 17.50
C VAL A 91 -9.72 5.51 16.91
N ILE A 92 -8.76 4.67 16.55
CA ILE A 92 -7.68 5.12 15.69
C ILE A 92 -7.82 4.31 14.40
N LEU A 93 -8.14 5.01 13.30
CA LEU A 93 -8.32 4.37 12.01
C LEU A 93 -7.06 4.57 11.20
N THR A 94 -6.39 3.48 10.84
CA THR A 94 -5.12 3.56 10.15
C THR A 94 -4.99 2.67 8.93
N GLN A 95 -4.07 3.10 8.07
CA GLN A 95 -3.50 2.23 7.07
CA GLN A 95 -3.49 2.32 6.97
C GLN A 95 -2.03 2.11 7.36
N TRP A 96 -1.44 0.99 6.98
CA TRP A 96 -0.05 0.76 7.32
C TRP A 96 0.77 0.22 6.16
N LEU A 97 2.09 0.38 6.28
CA LEU A 97 3.05 -0.10 5.29
C LEU A 97 4.13 -0.84 6.04
N LEU A 98 4.29 -2.12 5.69
CA LEU A 98 5.27 -2.99 6.31
CA LEU A 98 5.32 -2.91 6.31
C LEU A 98 6.36 -3.32 5.29
N SER A 99 7.53 -2.70 5.45
CA SER A 99 8.67 -2.90 4.56
C SER A 99 9.64 -3.89 5.19
N SER A 100 9.96 -4.95 4.46
CA SER A 100 10.89 -5.97 4.91
C SER A 100 12.22 -5.81 4.21
N SER A 101 13.30 -6.13 4.93
CA SER A 101 14.62 -6.11 4.35
C SER A 101 14.70 -7.06 3.15
N THR A 102 15.17 -6.54 2.02
CA THR A 102 15.41 -7.34 0.81
C THR A 102 16.69 -6.91 0.12
N ALA A 103 17.13 -7.74 -0.82
CA ALA A 103 18.13 -7.32 -1.81
C ALA A 103 17.56 -6.13 -2.58
N ARG A 104 18.42 -5.26 -3.09
CA ARG A 104 17.95 -4.05 -3.77
C ARG A 104 17.08 -4.37 -4.99
N GLY A 105 17.42 -5.43 -5.72
CA GLY A 105 16.65 -5.86 -6.88
C GLY A 105 15.26 -6.40 -6.54
N ASP A 106 15.01 -6.66 -5.26
CA ASP A 106 13.74 -7.26 -4.83
CA ASP A 106 13.78 -7.26 -4.77
C ASP A 106 12.85 -6.27 -4.08
N VAL A 107 13.18 -4.98 -4.17
CA VAL A 107 12.41 -3.95 -3.50
C VAL A 107 10.93 -3.99 -3.93
N TRP A 108 10.67 -4.37 -5.17
CA TRP A 108 9.29 -4.41 -5.67
C TRP A 108 8.38 -5.29 -4.82
N GLU A 109 8.93 -6.33 -4.18
CA GLU A 109 8.12 -7.24 -3.38
C GLU A 109 8.36 -7.08 -1.86
N SER A 110 8.83 -5.91 -1.44
CA SER A 110 9.25 -5.68 -0.07
C SER A 110 8.21 -5.04 0.85
N THR A 111 7.13 -4.49 0.30
CA THR A 111 6.23 -3.68 1.11
C THR A 111 4.81 -4.20 1.09
N LEU A 112 4.34 -4.67 2.25
CA LEU A 112 2.93 -5.00 2.44
C LEU A 112 2.14 -3.78 2.87
N VAL A 113 0.87 -3.76 2.48
CA VAL A 113 -0.05 -2.70 2.90
C VAL A 113 -1.29 -3.31 3.53
N GLY A 114 -1.82 -2.64 4.54
CA GLY A 114 -3.04 -3.10 5.17
C GLY A 114 -3.68 -1.98 5.96
N ASN A 115 -4.69 -2.36 6.74
CA ASN A 115 -5.42 -1.42 7.57
C ASN A 115 -5.69 -1.99 8.95
N ASP A 116 -5.51 -1.15 9.96
CA ASP A 116 -5.81 -1.52 11.35
C ASP A 116 -6.72 -0.48 11.96
N SER A 117 -7.73 -0.96 12.69
CA SER A 117 -8.63 -0.13 13.48
CA SER A 117 -8.60 -0.11 13.49
C SER A 117 -8.34 -0.42 14.96
N PHE A 118 -8.01 0.61 15.72
CA PHE A 118 -7.69 0.45 17.13
C PHE A 118 -8.82 1.01 17.99
N THR A 119 -9.18 0.26 19.02
CA THR A 119 -10.20 0.69 19.99
C THR A 119 -9.68 0.44 21.41
N LYS A 120 -10.45 0.88 22.39
CA LYS A 120 -10.02 0.86 23.78
CA LYS A 120 -10.02 0.86 23.78
C LYS A 120 -10.32 -0.46 24.48
N THR A 121 -11.03 -1.35 23.79
CA THR A 121 -11.39 -2.67 24.31
C THR A 121 -10.91 -3.75 23.33
N ALA A 122 -10.29 -4.80 23.86
CA ALA A 122 -9.83 -5.92 23.04
C ALA A 122 -10.99 -6.60 22.32
N PRO A 123 -10.77 -7.02 21.06
CA PRO A 123 -11.84 -7.75 20.37
C PRO A 123 -12.10 -9.12 21.00
N THR A 124 -13.35 -9.56 20.94
CA THR A 124 -13.76 -10.84 21.52
C THR A 124 -13.20 -12.03 20.76
N SER B 2 -6.00 14.60 -30.95
CA SER B 2 -6.40 13.17 -31.10
C SER B 2 -7.04 12.64 -29.82
N ASP B 3 -7.92 11.66 -29.97
CA ASP B 3 -8.54 11.01 -28.80
C ASP B 3 -7.48 10.27 -28.00
N VAL B 4 -7.82 9.94 -26.76
CA VAL B 4 -6.87 9.32 -25.85
C VAL B 4 -6.32 8.00 -26.41
N GLN B 5 -7.18 7.20 -27.04
CA GLN B 5 -6.75 5.90 -27.51
C GLN B 5 -5.60 5.98 -28.51
N SER B 6 -5.58 7.04 -29.32
CA SER B 6 -4.53 7.23 -30.33
CA SER B 6 -4.53 7.20 -30.34
C SER B 6 -3.14 7.28 -29.70
N SER B 7 -3.06 7.87 -28.50
CA SER B 7 -1.80 8.01 -27.77
CA SER B 7 -1.79 7.99 -27.80
C SER B 7 -1.55 6.88 -26.77
N LEU B 8 -2.62 6.27 -26.27
CA LEU B 8 -2.49 5.28 -25.20
C LEU B 8 -2.27 3.85 -25.69
N THR B 9 -2.97 3.46 -26.75
CA THR B 9 -2.81 2.11 -27.30
C THR B 9 -1.37 1.91 -27.76
N GLY B 10 -0.81 0.77 -27.38
CA GLY B 10 0.53 0.40 -27.80
C GLY B 10 1.31 -0.33 -26.72
N THR B 11 2.62 -0.46 -26.96
CA THR B 11 3.51 -1.18 -26.07
C THR B 11 4.13 -0.20 -25.09
N TRP B 12 4.14 -0.57 -23.81
CA TRP B 12 4.70 0.22 -22.73
C TRP B 12 5.65 -0.64 -21.91
N TYR B 13 6.68 0.00 -21.37
CA TYR B 13 7.71 -0.70 -20.60
C TYR B 13 7.91 0.01 -19.28
N ASN B 14 8.02 -0.74 -18.19
CA ASN B 14 8.29 -0.11 -16.90
C ASN B 14 9.75 -0.28 -16.46
N GLU B 15 10.04 0.25 -15.28
CA GLU B 15 11.40 0.28 -14.73
C GLU B 15 12.00 -1.11 -14.46
N LEU B 16 11.12 -2.11 -14.28
CA LEU B 16 11.53 -3.49 -14.11
C LEU B 16 11.73 -4.20 -15.46
N ASN B 17 11.50 -3.46 -16.54
N ASN B 17 11.54 -3.46 -16.55
CA ASN B 17 11.57 -3.99 -17.91
CA ASN B 17 11.56 -3.99 -17.92
C ASN B 17 10.38 -4.86 -18.29
C ASN B 17 10.41 -4.96 -18.22
N SER B 18 9.33 -4.85 -17.45
CA SER B 18 8.08 -5.51 -17.80
C SER B 18 7.50 -4.82 -19.04
N LYS B 19 6.80 -5.61 -19.84
CA LYS B 19 6.23 -5.13 -21.10
C LYS B 19 4.73 -5.31 -21.13
N MET B 20 4.02 -4.21 -21.33
CA MET B 20 2.57 -4.23 -21.42
C MET B 20 2.15 -3.86 -22.84
N GLU B 21 1.34 -4.73 -23.44
CA GLU B 21 0.76 -4.45 -24.75
CA GLU B 21 0.75 -4.48 -24.75
C GLU B 21 -0.68 -4.04 -24.50
N LEU B 22 -0.90 -2.74 -24.55
CA LEU B 22 -2.15 -2.11 -24.11
C LEU B 22 -3.03 -1.69 -25.28
N THR B 23 -4.33 -2.00 -25.17
CA THR B 23 -5.31 -1.51 -26.13
CA THR B 23 -5.28 -1.45 -26.12
C THR B 23 -6.37 -0.70 -25.39
N ALA B 24 -6.53 0.56 -25.81
CA ALA B 24 -7.52 1.45 -25.26
C ALA B 24 -8.66 1.50 -26.25
N ASN B 25 -9.82 1.04 -25.81
CA ASN B 25 -10.99 0.95 -26.67
C ASN B 25 -11.84 2.21 -26.57
N LYS B 26 -12.63 2.45 -27.62
CA LYS B 26 -13.49 3.64 -27.68
C LYS B 26 -14.51 3.73 -26.54
N ASP B 27 -14.90 2.60 -25.97
CA ASP B 27 -15.88 2.58 -24.88
C ASP B 27 -15.26 2.82 -23.50
N GLY B 28 -13.97 3.13 -23.47
CA GLY B 28 -13.29 3.42 -22.21
C GLY B 28 -12.66 2.23 -21.51
N THR B 29 -12.72 1.06 -22.15
CA THR B 29 -12.09 -0.13 -21.59
C THR B 29 -10.64 -0.26 -22.05
N LEU B 30 -9.88 -0.97 -21.22
CA LEU B 30 -8.53 -1.37 -21.53
C LEU B 30 -8.47 -2.89 -21.61
N THR B 31 -7.76 -3.37 -22.63
CA THR B 31 -7.47 -4.78 -22.79
C THR B 31 -5.99 -4.94 -23.18
N GLY B 32 -5.53 -6.17 -23.25
CA GLY B 32 -4.15 -6.43 -23.66
C GLY B 32 -3.47 -7.46 -22.79
N LYS B 33 -2.14 -7.43 -22.83
CA LYS B 33 -1.33 -8.50 -22.25
C LYS B 33 -0.20 -7.88 -21.45
N TYR B 34 0.19 -8.53 -20.36
CA TYR B 34 1.22 -7.99 -19.47
C TYR B 34 2.26 -9.07 -19.22
N LEU B 35 3.51 -8.75 -19.54
CA LEU B 35 4.63 -9.66 -19.31
C LEU B 35 5.53 -9.07 -18.22
N SER B 36 5.49 -9.69 -17.03
CA SER B 36 6.31 -9.23 -15.92
CA SER B 36 6.31 -9.22 -15.93
C SER B 36 7.70 -9.84 -15.99
N LYS B 37 8.71 -8.99 -15.77
CA LYS B 37 10.09 -9.44 -15.75
CA LYS B 37 10.10 -9.44 -15.76
C LYS B 37 10.52 -9.93 -14.37
N VAL B 38 9.63 -9.79 -13.40
CA VAL B 38 9.88 -10.26 -12.03
C VAL B 38 8.72 -11.11 -11.53
N GLY B 39 8.99 -11.88 -10.48
CA GLY B 39 8.04 -12.84 -9.99
C GLY B 39 8.16 -14.12 -10.78
N ASP B 40 7.57 -15.18 -10.24
CA ASP B 40 7.72 -16.48 -10.86
C ASP B 40 6.64 -16.71 -11.92
N VAL B 41 6.62 -15.81 -12.90
CA VAL B 41 5.74 -15.91 -14.07
C VAL B 41 6.60 -15.80 -15.33
N TYR B 42 6.17 -16.46 -16.41
CA TYR B 42 7.10 -16.68 -17.54
C TYR B 42 6.53 -16.33 -18.91
N VAL B 43 5.24 -16.00 -18.94
CA VAL B 43 4.55 -15.66 -20.18
C VAL B 43 3.61 -14.48 -19.89
N PRO B 44 3.10 -13.81 -20.95
CA PRO B 44 2.16 -12.72 -20.67
C PRO B 44 0.85 -13.21 -20.07
N TYR B 45 0.23 -12.36 -19.26
CA TYR B 45 -1.09 -12.59 -18.70
C TYR B 45 -2.02 -11.47 -19.15
N PRO B 46 -3.29 -11.79 -19.42
CA PRO B 46 -4.21 -10.78 -19.93
C PRO B 46 -4.64 -9.75 -18.88
N LEU B 47 -4.94 -8.54 -19.33
CA LEU B 47 -5.39 -7.44 -18.46
C LEU B 47 -6.78 -6.94 -18.85
N SER B 48 -7.47 -6.35 -17.88
CA SER B 48 -8.72 -5.64 -18.14
C SER B 48 -8.73 -4.39 -17.28
N GLY B 49 -9.19 -3.27 -17.85
CA GLY B 49 -9.28 -2.04 -17.09
C GLY B 49 -10.17 -0.98 -17.71
N ARG B 50 -10.03 0.25 -17.20
CA ARG B 50 -10.84 1.38 -17.62
C ARG B 50 -9.95 2.61 -17.65
N TYR B 51 -10.30 3.58 -18.49
CA TYR B 51 -9.52 4.80 -18.57
C TYR B 51 -10.40 6.00 -18.88
N ASN B 52 -9.99 7.17 -18.39
CA ASN B 52 -10.66 8.42 -18.72
C ASN B 52 -10.61 8.76 -20.20
N LEU B 53 -11.77 9.10 -20.77
CA LEU B 53 -11.87 9.47 -22.19
C LEU B 53 -11.67 10.96 -22.44
N GLN B 54 -11.86 11.78 -21.41
CA GLN B 54 -11.98 13.21 -21.61
C GLN B 54 -11.21 14.03 -20.59
N PRO B 55 -9.86 13.92 -20.60
CA PRO B 55 -9.03 14.62 -19.63
C PRO B 55 -9.14 16.13 -19.80
N PRO B 56 -9.29 16.88 -18.69
CA PRO B 56 -9.22 18.33 -18.80
C PRO B 56 -7.86 18.71 -19.39
N ALA B 57 -7.82 19.79 -20.16
CA ALA B 57 -6.58 20.26 -20.78
C ALA B 57 -5.46 20.39 -19.74
N GLY B 58 -4.28 19.89 -20.09
CA GLY B 58 -3.09 19.96 -19.24
C GLY B 58 -3.11 19.05 -18.02
N GLN B 59 -4.03 18.08 -18.02
CA GLN B 59 -4.12 17.12 -16.93
C GLN B 59 -4.01 15.69 -17.43
N GLY B 60 -3.66 14.79 -16.53
CA GLY B 60 -3.53 13.38 -16.86
C GLY B 60 -4.84 12.66 -17.12
N VAL B 61 -4.73 11.57 -17.88
CA VAL B 61 -5.81 10.61 -18.06
C VAL B 61 -5.71 9.64 -16.88
N ALA B 62 -6.70 9.67 -15.99
CA ALA B 62 -6.72 8.68 -14.90
C ALA B 62 -7.14 7.34 -15.49
N LEU B 63 -6.54 6.28 -14.98
CA LEU B 63 -6.80 4.95 -15.53
C LEU B 63 -6.43 3.89 -14.51
N GLY B 64 -6.94 2.69 -14.73
CA GLY B 64 -6.52 1.56 -13.94
C GLY B 64 -6.79 0.26 -14.65
N TRP B 65 -6.01 -0.76 -14.31
CA TRP B 65 -6.22 -2.09 -14.87
C TRP B 65 -5.85 -3.19 -13.92
N ALA B 66 -6.33 -4.39 -14.22
CA ALA B 66 -6.15 -5.59 -13.40
C ALA B 66 -5.58 -6.73 -14.21
N VAL B 67 -4.72 -7.52 -13.57
CA VAL B 67 -4.22 -8.78 -14.11
C VAL B 67 -4.40 -9.85 -13.04
N SER B 68 -4.99 -10.98 -13.42
CA SER B 68 -5.04 -12.17 -12.59
CA SER B 68 -5.01 -12.16 -12.57
C SER B 68 -3.88 -13.09 -13.01
N TRP B 69 -3.06 -13.49 -12.05
CA TRP B 69 -1.93 -14.35 -12.29
C TRP B 69 -2.18 -15.74 -11.68
N GLU B 70 -2.23 -16.76 -12.52
CA GLU B 70 -2.40 -18.13 -12.03
CA GLU B 70 -2.40 -18.11 -12.03
C GLU B 70 -1.52 -19.07 -12.81
N ASN B 71 -0.67 -19.79 -12.08
CA ASN B 71 0.16 -20.86 -12.63
C ASN B 71 0.36 -21.91 -11.55
N SER B 72 1.34 -22.79 -11.71
CA SER B 72 1.52 -23.89 -10.75
C SER B 72 1.78 -23.41 -9.32
N LYS B 73 2.39 -22.23 -9.19
CA LYS B 73 2.84 -21.75 -7.90
C LYS B 73 2.12 -20.50 -7.40
N ILE B 74 1.51 -19.74 -8.33
CA ILE B 74 0.98 -18.40 -8.07
CA ILE B 74 0.98 -18.43 -8.01
C ILE B 74 -0.52 -18.35 -8.25
N HIS B 75 -1.21 -17.71 -7.30
CA HIS B 75 -2.61 -17.33 -7.47
C HIS B 75 -2.72 -15.96 -6.86
N SER B 76 -2.69 -14.94 -7.71
CA SER B 76 -2.66 -13.56 -7.24
CA SER B 76 -2.62 -13.55 -7.27
C SER B 76 -3.31 -12.64 -8.26
N ALA B 77 -3.44 -11.37 -7.93
CA ALA B 77 -4.00 -10.37 -8.84
C ALA B 77 -3.34 -9.03 -8.54
N THR B 78 -2.92 -8.30 -9.57
CA THR B 78 -2.42 -6.95 -9.39
C THR B 78 -3.38 -5.98 -10.03
N THR B 79 -3.58 -4.83 -9.36
CA THR B 79 -4.18 -3.66 -10.02
C THR B 79 -3.22 -2.50 -10.01
N TRP B 80 -3.22 -1.77 -11.13
CA TRP B 80 -2.49 -0.53 -11.25
C TRP B 80 -3.47 0.64 -11.36
N SER B 81 -3.17 1.72 -10.65
CA SER B 81 -3.97 2.91 -10.70
CA SER B 81 -3.98 2.95 -10.65
C SER B 81 -3.05 4.11 -10.86
N GLY B 82 -3.41 5.03 -11.76
CA GLY B 82 -2.53 6.16 -11.99
C GLY B 82 -3.02 7.08 -13.09
N GLN B 83 -2.06 7.70 -13.74
CA GLN B 83 -2.34 8.69 -14.77
C GLN B 83 -1.41 8.53 -15.93
N PHE B 84 -1.99 8.69 -17.11
CA PHE B 84 -1.28 8.70 -18.39
C PHE B 84 -1.18 10.15 -18.87
N PHE B 85 0.03 10.56 -19.20
CA PHE B 85 0.31 11.88 -19.77
C PHE B 85 0.87 11.68 -21.16
N SER B 86 0.17 12.21 -22.17
CA SER B 86 0.56 12.03 -23.58
C SER B 86 1.48 13.13 -24.10
N GLU B 87 1.53 14.26 -23.39
CA GLU B 87 2.33 15.41 -23.82
C GLU B 87 3.82 15.25 -23.54
N SER B 88 4.60 15.90 -24.41
CA SER B 88 6.07 15.99 -24.32
CA SER B 88 6.06 15.99 -24.33
C SER B 88 6.77 14.64 -24.20
N SER B 89 6.81 14.10 -22.99
CA SER B 89 7.50 12.86 -22.68
C SER B 89 6.45 11.91 -22.14
N PRO B 90 5.81 11.11 -23.01
CA PRO B 90 4.70 10.29 -22.53
C PRO B 90 5.07 9.33 -21.42
N VAL B 91 4.16 9.19 -20.47
CA VAL B 91 4.40 8.33 -19.31
C VAL B 91 3.07 7.84 -18.73
N ILE B 92 3.08 6.64 -18.17
CA ILE B 92 1.99 6.20 -17.31
C ILE B 92 2.59 6.05 -15.92
N LEU B 93 2.17 6.91 -15.00
CA LEU B 93 2.68 6.88 -13.63
C LEU B 93 1.64 6.17 -12.77
N THR B 94 2.06 5.05 -12.18
CA THR B 94 1.14 4.23 -11.39
C THR B 94 1.63 3.82 -10.02
N GLN B 95 0.67 3.52 -9.17
CA GLN B 95 0.88 2.71 -7.97
C GLN B 95 0.06 1.44 -8.13
N TRP B 96 0.50 0.37 -7.48
CA TRP B 96 -0.18 -0.90 -7.68
C TRP B 96 -0.37 -1.67 -6.39
N LEU B 97 -1.35 -2.57 -6.42
CA LEU B 97 -1.66 -3.44 -5.29
C LEU B 97 -1.69 -4.87 -5.82
N LEU B 98 -0.84 -5.70 -5.25
CA LEU B 98 -0.73 -7.10 -5.61
C LEU B 98 -1.25 -7.98 -4.47
N SER B 99 -2.44 -8.53 -4.65
CA SER B 99 -3.08 -9.38 -3.64
C SER B 99 -2.86 -10.82 -4.00
N SER B 100 -2.39 -11.59 -3.03
CA SER B 100 -2.12 -13.00 -3.21
C SER B 100 -3.12 -13.84 -2.46
N SER B 101 -3.48 -14.98 -3.05
CA SER B 101 -4.39 -15.92 -2.41
CA SER B 101 -4.38 -15.93 -2.40
C SER B 101 -3.79 -16.43 -1.08
N THR B 102 -4.57 -16.27 -0.01
CA THR B 102 -4.19 -16.77 1.32
C THR B 102 -5.38 -17.39 2.04
N ALA B 103 -5.10 -18.10 3.14
CA ALA B 103 -6.12 -18.45 4.12
C ALA B 103 -6.73 -17.15 4.63
N ARG B 104 -7.99 -17.20 5.07
CA ARG B 104 -8.68 -15.97 5.49
CA ARG B 104 -8.71 -16.00 5.52
C ARG B 104 -7.98 -15.30 6.66
N GLY B 105 -7.42 -16.10 7.57
CA GLY B 105 -6.70 -15.57 8.74
C GLY B 105 -5.41 -14.84 8.41
N ASP B 106 -4.89 -15.04 7.19
CA ASP B 106 -3.64 -14.44 6.76
C ASP B 106 -3.81 -13.27 5.78
N VAL B 107 -5.03 -12.75 5.67
CA VAL B 107 -5.30 -11.62 4.79
C VAL B 107 -4.40 -10.42 5.07
N TRP B 108 -4.05 -10.21 6.34
CA TRP B 108 -3.20 -9.07 6.73
C TRP B 108 -1.88 -9.01 5.96
N GLU B 109 -1.36 -10.17 5.55
CA GLU B 109 -0.06 -10.22 4.87
C GLU B 109 -0.20 -10.58 3.39
N SER B 110 -1.38 -10.32 2.82
CA SER B 110 -1.66 -10.75 1.45
C SER B 110 -1.49 -9.70 0.35
N THR B 111 -1.25 -8.43 0.70
CA THR B 111 -1.22 -7.39 -0.31
C THR B 111 0.07 -6.60 -0.32
N LEU B 112 0.83 -6.72 -1.42
CA LEU B 112 2.01 -5.88 -1.68
C LEU B 112 1.60 -4.58 -2.37
N VAL B 113 2.37 -3.53 -2.12
CA VAL B 113 2.16 -2.23 -2.77
C VAL B 113 3.48 -1.78 -3.38
N GLY B 114 3.38 -1.15 -4.54
CA GLY B 114 4.53 -0.59 -5.18
C GLY B 114 4.15 0.47 -6.19
N ASN B 115 5.15 0.87 -6.96
CA ASN B 115 4.97 1.88 -8.00
C ASN B 115 5.69 1.49 -9.28
N ASP B 116 5.02 1.70 -10.42
CA ASP B 116 5.60 1.47 -11.74
C ASP B 116 5.40 2.68 -12.60
N SER B 117 6.47 3.03 -13.32
CA SER B 117 6.44 4.10 -14.31
CA SER B 117 6.42 4.10 -14.31
CA SER B 117 6.40 4.09 -14.32
C SER B 117 6.64 3.48 -15.68
N PHE B 118 5.69 3.71 -16.58
CA PHE B 118 5.73 3.13 -17.93
C PHE B 118 6.08 4.18 -18.95
N THR B 119 6.98 3.82 -19.87
CA THR B 119 7.37 4.69 -20.98
C THR B 119 7.35 3.88 -22.26
N LYS B 120 7.55 4.58 -23.38
CA LYS B 120 7.42 3.99 -24.71
CA LYS B 120 7.39 3.94 -24.67
C LYS B 120 8.67 3.29 -25.19
N THR B 121 9.75 3.45 -24.42
CA THR B 121 11.05 2.81 -24.74
C THR B 121 11.50 1.99 -23.54
N ALA B 122 12.00 0.79 -23.79
CA ALA B 122 12.48 -0.11 -22.75
C ALA B 122 13.68 0.50 -22.02
N PRO B 123 13.78 0.27 -20.69
CA PRO B 123 14.96 0.75 -19.96
CA PRO B 123 14.96 0.76 -19.97
C PRO B 123 16.22 0.01 -20.42
N THR B 124 17.35 0.71 -20.40
CA THR B 124 18.63 0.12 -20.80
C THR B 124 19.12 -0.92 -19.79
#